data_1TB4
#
_entry.id   1TB4
#
_cell.length_a   113.999
_cell.length_b   55.146
_cell.length_c   57.646
_cell.angle_alpha   90.00
_cell.angle_beta   90.00
_cell.angle_gamma   90.00
#
_symmetry.space_group_name_H-M   'P 21 21 2'
#
loop_
_entity.id
_entity.type
_entity.pdbx_description
1 polymer 'Aspartate-semialdehyde dehydrogenase'
2 non-polymer PERIODATE
3 water water
#
_entity_poly.entity_id   1
_entity_poly.type   'polypeptide(L)'
_entity_poly.pdbx_seq_one_letter_code
;MKNVGFIGWRGMVGSVLMDRMSQENDFENLNPVFFTTSQAGQKAPVFGGKDAGDLKSAFDIEELKKLDIIVTCQGGDYTN
EVYPKLKATGWDGYWVDAASALRMKDDAIIVLDPVNQHVISEGLKKGIKTFVGGNCTVSLMLMAIGGLFEKDLVEWISVA
TYQAASGAGAKNMRELLSQMGLLEQAVSSELKDPASSILDIERKVTAKMRADNFPTDNFGAALGGSLIPWIDKLLPETGQ
TKEEWKGYAETNKILGLSDNPIPVDGLCVRIGALRCHSQAFTIKLKKDLPLEEIEQIIASHNEWVKVIPNDKEITLRELT
PAKVTGTLSVPVGRLRKLAMGPEYLAAFTVGDQLLWGAAEPVRRILKQLVA
;
_entity_poly.pdbx_strand_id   A
#
# COMPACT_ATOMS: atom_id res chain seq x y z
N MET A 1 -15.44 -22.32 -16.78
CA MET A 1 -14.91 -21.18 -15.99
C MET A 1 -14.42 -21.61 -14.62
N LYS A 2 -13.43 -20.89 -14.11
CA LYS A 2 -12.85 -21.18 -12.80
C LYS A 2 -13.85 -20.89 -11.69
N ASN A 3 -13.78 -21.72 -10.64
CA ASN A 3 -14.64 -21.56 -9.47
C ASN A 3 -13.77 -20.84 -8.44
N VAL A 4 -14.15 -19.60 -8.16
CA VAL A 4 -13.39 -18.75 -7.23
C VAL A 4 -14.16 -18.37 -5.96
N GLY A 5 -13.57 -18.69 -4.81
CA GLY A 5 -14.21 -18.35 -3.56
C GLY A 5 -13.65 -17.04 -3.04
N PHE A 6 -14.51 -16.23 -2.43
CA PHE A 6 -14.06 -14.95 -1.87
C PHE A 6 -14.29 -14.86 -0.36
N ILE A 7 -13.26 -14.43 0.36
CA ILE A 7 -13.34 -14.29 1.82
C ILE A 7 -12.92 -12.86 2.20
N GLY A 8 -13.58 -12.28 3.18
CA GLY A 8 -13.25 -10.93 3.62
C GLY A 8 -13.61 -9.88 2.58
N TRP A 9 -14.57 -10.21 1.72
CA TRP A 9 -15.01 -9.29 0.66
C TRP A 9 -15.87 -8.15 1.18
N ARG A 10 -16.25 -8.21 2.46
CA ARG A 10 -17.07 -7.15 3.05
C ARG A 10 -16.24 -6.14 3.85
N GLY A 11 -14.97 -6.45 4.07
CA GLY A 11 -14.12 -5.53 4.81
C GLY A 11 -13.85 -4.31 3.95
N MET A 12 -12.97 -3.42 4.41
CA MET A 12 -12.68 -2.24 3.62
C MET A 12 -11.91 -2.62 2.34
N VAL A 13 -10.82 -3.37 2.50
CA VAL A 13 -10.03 -3.77 1.34
C VAL A 13 -10.89 -4.65 0.44
N GLY A 14 -11.59 -5.61 1.03
CA GLY A 14 -12.47 -6.48 0.26
C GLY A 14 -13.47 -5.70 -0.57
N SER A 15 -14.07 -4.68 0.03
CA SER A 15 -15.06 -3.85 -0.65
C SER A 15 -14.47 -3.07 -1.83
N VAL A 16 -13.22 -2.63 -1.72
CA VAL A 16 -12.60 -1.92 -2.83
C VAL A 16 -12.42 -2.91 -3.98
N LEU A 17 -12.03 -4.14 -3.63
CA LEU A 17 -11.84 -5.19 -4.63
C LEU A 17 -13.17 -5.50 -5.33
N MET A 18 -14.22 -5.73 -4.54
CA MET A 18 -15.51 -6.02 -5.13
C MET A 18 -15.92 -4.90 -6.08
N ASP A 19 -15.75 -3.66 -5.66
CA ASP A 19 -16.10 -2.51 -6.48
C ASP A 19 -15.30 -2.46 -7.79
N ARG A 20 -13.97 -2.56 -7.68
CA ARG A 20 -13.12 -2.53 -8.86
C ARG A 20 -13.45 -3.69 -9.80
N MET A 21 -13.72 -4.86 -9.23
CA MET A 21 -14.05 -6.03 -10.06
C MET A 21 -15.35 -5.79 -10.82
N SER A 22 -16.33 -5.14 -10.17
CA SER A 22 -17.60 -4.85 -10.82
C SER A 22 -17.36 -3.87 -11.98
N GLN A 23 -16.65 -2.80 -11.69
CA GLN A 23 -16.30 -1.78 -12.65
C GLN A 23 -15.66 -2.33 -13.92
N GLU A 24 -14.83 -3.36 -13.77
CA GLU A 24 -14.13 -3.96 -14.90
C GLU A 24 -14.83 -5.23 -15.42
N ASN A 25 -16.01 -5.52 -14.86
CA ASN A 25 -16.77 -6.70 -15.24
C ASN A 25 -15.98 -8.01 -15.14
N ASP A 26 -15.18 -8.12 -14.08
CA ASP A 26 -14.37 -9.31 -13.86
C ASP A 26 -15.21 -10.55 -13.54
N PHE A 27 -16.40 -10.34 -13.00
CA PHE A 27 -17.26 -11.46 -12.64
C PHE A 27 -17.81 -12.24 -13.83
N GLU A 28 -17.79 -11.64 -15.02
CA GLU A 28 -18.29 -12.27 -16.22
C GLU A 28 -17.45 -13.48 -16.64
N ASN A 29 -16.17 -13.49 -16.23
CA ASN A 29 -15.26 -14.58 -16.62
C ASN A 29 -14.95 -15.63 -15.55
N LEU A 30 -15.71 -15.66 -14.46
CA LEU A 30 -15.45 -16.62 -13.41
C LEU A 30 -16.73 -16.93 -12.64
N ASN A 31 -16.69 -18.04 -11.91
CA ASN A 31 -17.82 -18.46 -11.09
C ASN A 31 -17.48 -18.18 -9.62
N PRO A 32 -18.04 -17.09 -9.08
CA PRO A 32 -17.81 -16.65 -7.70
C PRO A 32 -18.59 -17.42 -6.63
N VAL A 33 -17.94 -17.64 -5.51
CA VAL A 33 -18.52 -18.32 -4.36
C VAL A 33 -18.17 -17.45 -3.16
N PHE A 34 -19.18 -16.91 -2.49
CA PHE A 34 -18.92 -16.04 -1.36
C PHE A 34 -19.00 -16.75 -0.01
N PHE A 35 -18.02 -16.48 0.85
CA PHE A 35 -17.96 -17.08 2.19
C PHE A 35 -18.14 -16.04 3.26
N THR A 36 -18.38 -16.50 4.48
CA THR A 36 -18.56 -15.61 5.63
C THR A 36 -18.10 -16.36 6.87
N THR A 37 -17.73 -15.59 7.90
CA THR A 37 -17.30 -16.15 9.17
C THR A 37 -18.49 -16.12 10.13
N SER A 38 -19.51 -15.39 9.75
CA SER A 38 -20.72 -15.26 10.56
C SER A 38 -21.53 -16.54 10.65
N GLN A 39 -22.31 -16.65 11.72
CA GLN A 39 -23.17 -17.81 11.92
C GLN A 39 -24.62 -17.32 11.92
N ALA A 40 -24.84 -16.18 11.26
CA ALA A 40 -26.17 -15.58 11.16
C ALA A 40 -27.08 -16.39 10.24
N LEU A 55 -24.67 -18.05 2.17
CA LEU A 55 -23.32 -18.34 1.70
C LEU A 55 -22.58 -19.35 2.59
N LYS A 56 -21.48 -19.90 2.07
CA LYS A 56 -20.71 -20.90 2.80
C LYS A 56 -19.90 -20.33 3.96
N SER A 57 -19.44 -21.24 4.83
CA SER A 57 -18.64 -20.88 5.98
C SER A 57 -17.18 -20.82 5.55
N ALA A 58 -16.50 -19.74 5.91
CA ALA A 58 -15.10 -19.57 5.55
C ALA A 58 -14.21 -20.59 6.25
N PHE A 59 -14.78 -21.30 7.21
CA PHE A 59 -14.03 -22.30 7.97
C PHE A 59 -14.32 -23.73 7.52
N ASP A 60 -15.09 -23.88 6.46
CA ASP A 60 -15.43 -25.22 5.93
C ASP A 60 -14.41 -25.65 4.87
N ILE A 61 -13.36 -26.32 5.32
CA ILE A 61 -12.29 -26.78 4.44
C ILE A 61 -12.77 -27.58 3.23
N GLU A 62 -13.76 -28.45 3.43
CA GLU A 62 -14.28 -29.26 2.32
C GLU A 62 -14.95 -28.39 1.25
N GLU A 63 -15.63 -27.33 1.68
CA GLU A 63 -16.26 -26.41 0.74
C GLU A 63 -15.19 -25.65 -0.03
N LEU A 64 -14.16 -25.21 0.68
CA LEU A 64 -13.07 -24.46 0.08
C LEU A 64 -12.28 -25.36 -0.85
N LYS A 65 -12.16 -26.63 -0.46
CA LYS A 65 -11.40 -27.63 -1.21
C LYS A 65 -11.92 -27.82 -2.63
N LYS A 66 -13.20 -27.53 -2.84
CA LYS A 66 -13.82 -27.68 -4.16
C LYS A 66 -13.51 -26.55 -5.13
N LEU A 67 -12.97 -25.45 -4.62
CA LEU A 67 -12.65 -24.27 -5.42
C LEU A 67 -11.32 -24.36 -6.17
N ASP A 68 -11.24 -23.68 -7.32
CA ASP A 68 -10.03 -23.66 -8.13
C ASP A 68 -9.10 -22.57 -7.61
N ILE A 69 -9.71 -21.51 -7.09
CA ILE A 69 -8.97 -20.37 -6.57
C ILE A 69 -9.64 -19.78 -5.34
N ILE A 70 -8.83 -19.28 -4.42
CA ILE A 70 -9.35 -18.65 -3.22
C ILE A 70 -8.71 -17.27 -3.10
N VAL A 71 -9.57 -16.25 -2.99
CA VAL A 71 -9.12 -14.87 -2.84
C VAL A 71 -9.56 -14.38 -1.46
N THR A 72 -8.58 -14.08 -0.60
CA THR A 72 -8.86 -13.63 0.75
C THR A 72 -8.40 -12.21 1.06
N CYS A 73 -9.28 -11.43 1.67
CA CYS A 73 -8.96 -10.09 2.13
C CYS A 73 -9.37 -10.12 3.61
N GLN A 74 -9.59 -11.33 4.11
CA GLN A 74 -10.00 -11.57 5.50
C GLN A 74 -8.96 -11.17 6.54
N GLY A 75 -7.71 -11.59 6.34
CA GLY A 75 -6.67 -11.23 7.29
C GLY A 75 -5.71 -12.35 7.62
N GLY A 76 -4.57 -11.96 8.19
CA GLY A 76 -3.53 -12.92 8.55
C GLY A 76 -3.95 -14.01 9.51
N ASP A 77 -4.73 -13.66 10.51
CA ASP A 77 -5.19 -14.65 11.48
C ASP A 77 -6.01 -15.71 10.75
N TYR A 78 -6.89 -15.27 9.86
CA TYR A 78 -7.70 -16.21 9.09
C TYR A 78 -6.76 -17.10 8.29
N THR A 79 -5.86 -16.46 7.54
CA THR A 79 -4.92 -17.20 6.70
C THR A 79 -4.11 -18.23 7.49
N ASN A 80 -3.45 -17.78 8.55
CA ASN A 80 -2.63 -18.69 9.36
C ASN A 80 -3.45 -19.85 9.92
N GLU A 81 -4.75 -19.63 10.09
CA GLU A 81 -5.61 -20.68 10.61
C GLU A 81 -6.03 -21.68 9.52
N VAL A 82 -6.79 -21.18 8.54
CA VAL A 82 -7.31 -22.00 7.45
C VAL A 82 -6.32 -22.50 6.38
N TYR A 83 -5.39 -21.65 5.98
CA TYR A 83 -4.42 -22.02 4.95
C TYR A 83 -3.72 -23.36 5.17
N PRO A 84 -3.04 -23.53 6.31
CA PRO A 84 -2.34 -24.80 6.55
C PRO A 84 -3.25 -26.03 6.54
N LYS A 85 -4.48 -25.87 7.00
CA LYS A 85 -5.42 -26.98 7.03
C LYS A 85 -5.79 -27.40 5.61
N LEU A 86 -6.24 -26.45 4.81
CA LEU A 86 -6.63 -26.71 3.43
C LEU A 86 -5.54 -27.37 2.57
N LYS A 87 -4.35 -26.79 2.55
CA LYS A 87 -3.28 -27.38 1.75
C LYS A 87 -2.87 -28.74 2.31
N ALA A 88 -3.22 -28.98 3.57
CA ALA A 88 -2.91 -30.24 4.21
C ALA A 88 -3.84 -31.35 3.71
N THR A 89 -4.93 -30.97 3.07
CA THR A 89 -5.87 -31.96 2.54
C THR A 89 -5.46 -32.40 1.14
N GLY A 90 -4.41 -31.79 0.61
CA GLY A 90 -3.95 -32.13 -0.72
C GLY A 90 -4.44 -31.14 -1.77
N TRP A 91 -5.29 -30.21 -1.33
CA TRP A 91 -5.84 -29.17 -2.21
C TRP A 91 -4.74 -28.63 -3.15
N ASP A 92 -4.99 -28.72 -4.45
CA ASP A 92 -4.04 -28.29 -5.46
C ASP A 92 -4.40 -26.95 -6.13
N GLY A 93 -5.24 -26.15 -5.48
CA GLY A 93 -5.65 -24.88 -6.04
C GLY A 93 -4.80 -23.67 -5.71
N TYR A 94 -5.24 -22.50 -6.16
CA TYR A 94 -4.53 -21.25 -5.91
C TYR A 94 -5.04 -20.47 -4.71
N TRP A 95 -4.12 -19.85 -3.99
CA TRP A 95 -4.48 -19.04 -2.83
C TRP A 95 -3.97 -17.64 -3.14
N VAL A 96 -4.92 -16.70 -3.26
CA VAL A 96 -4.60 -15.30 -3.53
C VAL A 96 -4.96 -14.59 -2.24
N ASP A 97 -3.95 -14.00 -1.62
CA ASP A 97 -4.12 -13.35 -0.32
C ASP A 97 -3.66 -11.89 -0.33
N ALA A 98 -4.36 -11.05 0.42
CA ALA A 98 -3.99 -9.64 0.50
C ALA A 98 -3.15 -9.47 1.77
N ALA A 99 -3.40 -10.31 2.76
CA ALA A 99 -2.67 -10.25 4.04
C ALA A 99 -1.18 -10.51 3.86
N SER A 100 -0.38 -10.04 4.82
CA SER A 100 1.07 -10.21 4.76
C SER A 100 1.58 -11.58 5.20
N ALA A 101 0.76 -12.30 5.95
CA ALA A 101 1.14 -13.62 6.46
C ALA A 101 2.08 -14.49 5.60
N LEU A 102 1.72 -14.71 4.34
CA LEU A 102 2.53 -15.58 3.50
C LEU A 102 3.56 -14.95 2.57
N ARG A 103 3.56 -13.63 2.47
CA ARG A 103 4.51 -12.93 1.59
C ARG A 103 5.92 -13.48 1.58
N MET A 104 6.44 -13.82 2.76
CA MET A 104 7.81 -14.32 2.85
C MET A 104 7.94 -15.83 2.94
N LYS A 105 7.12 -16.55 2.18
CA LYS A 105 7.18 -18.01 2.15
C LYS A 105 7.90 -18.37 0.86
N ASP A 106 8.63 -19.47 0.88
CA ASP A 106 9.39 -19.91 -0.28
C ASP A 106 8.50 -20.37 -1.43
N ASP A 107 7.31 -20.88 -1.10
CA ASP A 107 6.38 -21.35 -2.12
C ASP A 107 5.38 -20.27 -2.50
N ALA A 108 5.65 -19.03 -2.07
CA ALA A 108 4.78 -17.91 -2.38
C ALA A 108 5.48 -16.84 -3.19
N ILE A 109 4.70 -16.04 -3.90
CA ILE A 109 5.24 -14.96 -4.71
C ILE A 109 4.45 -13.68 -4.43
N ILE A 110 5.16 -12.56 -4.35
CA ILE A 110 4.52 -11.28 -4.08
C ILE A 110 4.20 -10.67 -5.44
N VAL A 111 2.92 -10.49 -5.73
CA VAL A 111 2.51 -9.95 -7.03
C VAL A 111 2.35 -8.44 -7.17
N LEU A 112 2.86 -7.93 -8.30
CA LEU A 112 2.78 -6.53 -8.69
C LEU A 112 3.10 -6.59 -10.18
N ASP A 113 2.25 -7.34 -10.89
CA ASP A 113 2.41 -7.61 -12.32
C ASP A 113 2.88 -6.50 -13.25
N PRO A 114 2.52 -5.24 -12.96
CA PRO A 114 3.03 -4.24 -13.92
C PRO A 114 4.54 -4.13 -13.71
N VAL A 115 4.98 -4.55 -12.53
CA VAL A 115 6.39 -4.49 -12.18
C VAL A 115 7.12 -5.82 -12.37
N ASN A 116 6.57 -6.90 -11.82
CA ASN A 116 7.23 -8.19 -11.90
C ASN A 116 6.46 -9.30 -12.64
N GLN A 117 5.92 -8.98 -13.80
CA GLN A 117 5.18 -9.99 -14.54
C GLN A 117 6.08 -11.20 -14.82
N HIS A 118 7.30 -10.94 -15.26
CA HIS A 118 8.24 -12.04 -15.57
C HIS A 118 8.42 -12.98 -14.39
N VAL A 119 8.41 -12.43 -13.18
CA VAL A 119 8.55 -13.26 -11.97
C VAL A 119 7.29 -14.08 -11.77
N ILE A 120 6.14 -13.47 -12.04
CA ILE A 120 4.85 -14.12 -11.89
C ILE A 120 4.69 -15.29 -12.87
N SER A 121 4.97 -15.02 -14.14
CA SER A 121 4.86 -16.05 -15.17
C SER A 121 5.73 -17.27 -14.86
N GLU A 122 7.01 -17.02 -14.63
CA GLU A 122 7.95 -18.09 -14.30
C GLU A 122 7.50 -18.87 -13.07
N GLY A 123 6.88 -18.16 -12.12
CA GLY A 123 6.40 -18.82 -10.92
C GLY A 123 5.25 -19.76 -11.23
N LEU A 124 4.35 -19.32 -12.09
CA LEU A 124 3.22 -20.14 -12.48
C LEU A 124 3.71 -21.42 -13.14
N LYS A 125 4.73 -21.27 -13.98
CA LYS A 125 5.31 -22.42 -14.68
C LYS A 125 6.04 -23.32 -13.69
N LYS A 126 6.73 -22.71 -12.73
CA LYS A 126 7.46 -23.45 -11.72
C LYS A 126 6.44 -24.21 -10.88
N GLY A 127 5.18 -23.81 -11.00
CA GLY A 127 4.12 -24.48 -10.25
C GLY A 127 3.71 -23.81 -8.95
N ILE A 128 4.07 -22.55 -8.77
CA ILE A 128 3.71 -21.83 -7.54
C ILE A 128 2.19 -21.70 -7.50
N LYS A 129 1.61 -21.91 -6.33
CA LYS A 129 0.16 -21.84 -6.15
C LYS A 129 -0.33 -20.81 -5.13
N THR A 130 0.59 -20.02 -4.58
CA THR A 130 0.23 -18.99 -3.60
C THR A 130 0.76 -17.64 -4.06
N PHE A 131 -0.14 -16.67 -4.23
CA PHE A 131 0.26 -15.35 -4.66
C PHE A 131 -0.25 -14.30 -3.67
N VAL A 132 0.64 -13.40 -3.26
CA VAL A 132 0.27 -12.39 -2.27
C VAL A 132 0.61 -10.97 -2.66
N GLY A 133 -0.34 -10.07 -2.44
CA GLY A 133 -0.12 -8.67 -2.73
C GLY A 133 0.92 -8.20 -1.73
N GLY A 134 1.72 -7.20 -2.10
CA GLY A 134 2.74 -6.73 -1.19
C GLY A 134 2.42 -5.49 -0.38
N ASN A 135 3.40 -5.09 0.43
CA ASN A 135 3.30 -3.91 1.28
C ASN A 135 2.83 -2.71 0.46
N CYS A 136 1.88 -1.95 0.99
CA CYS A 136 1.38 -0.78 0.28
C CYS A 136 2.46 0.22 -0.12
N THR A 137 3.26 0.66 0.85
CA THR A 137 4.32 1.63 0.52
C THR A 137 5.32 1.07 -0.50
N VAL A 138 5.66 -0.21 -0.39
CA VAL A 138 6.59 -0.82 -1.33
C VAL A 138 6.04 -0.86 -2.75
N SER A 139 4.81 -1.34 -2.92
CA SER A 139 4.21 -1.38 -4.25
C SER A 139 3.96 0.02 -4.82
N LEU A 140 3.59 0.97 -3.97
CA LEU A 140 3.35 2.34 -4.46
C LEU A 140 4.68 2.97 -4.91
N MET A 141 5.77 2.51 -4.30
CA MET A 141 7.10 3.00 -4.65
C MET A 141 7.49 2.44 -6.03
N LEU A 142 7.39 1.11 -6.16
CA LEU A 142 7.73 0.41 -7.40
C LEU A 142 6.90 0.86 -8.59
N MET A 143 5.62 1.13 -8.37
CA MET A 143 4.76 1.59 -9.45
C MET A 143 5.23 2.97 -9.90
N ALA A 144 5.83 3.73 -8.99
CA ALA A 144 6.29 5.08 -9.29
C ALA A 144 7.64 5.13 -9.99
N ILE A 145 8.63 4.47 -9.39
CA ILE A 145 9.99 4.48 -9.93
C ILE A 145 10.46 3.12 -10.43
N GLY A 146 9.52 2.31 -10.93
CA GLY A 146 9.86 1.00 -11.44
C GLY A 146 10.87 1.04 -12.57
N GLY A 147 10.74 2.04 -13.45
CA GLY A 147 11.65 2.18 -14.55
C GLY A 147 13.11 2.12 -14.14
N LEU A 148 13.46 2.87 -13.10
CA LEU A 148 14.83 2.89 -12.60
C LEU A 148 15.30 1.50 -12.21
N PHE A 149 14.44 0.73 -11.57
CA PHE A 149 14.83 -0.62 -11.17
C PHE A 149 15.03 -1.51 -12.39
N GLU A 150 14.15 -1.36 -13.38
CA GLU A 150 14.21 -2.15 -14.60
C GLU A 150 15.52 -2.01 -15.37
N LYS A 151 16.21 -0.88 -15.18
CA LYS A 151 17.46 -0.63 -15.87
C LYS A 151 18.66 -0.87 -14.97
N ASP A 152 18.40 -1.37 -13.76
CA ASP A 152 19.44 -1.64 -12.77
C ASP A 152 20.23 -0.35 -12.54
N LEU A 153 19.49 0.74 -12.42
CA LEU A 153 20.07 2.07 -12.21
C LEU A 153 20.06 2.46 -10.73
N VAL A 154 19.41 1.65 -9.91
CA VAL A 154 19.31 1.93 -8.48
C VAL A 154 20.32 1.19 -7.63
N GLU A 155 21.16 1.95 -6.93
CA GLU A 155 22.17 1.35 -6.07
C GLU A 155 21.53 1.16 -4.69
N TRP A 156 20.85 2.20 -4.22
CA TRP A 156 20.13 2.16 -2.94
C TRP A 156 19.11 3.29 -2.89
N ILE A 157 18.18 3.21 -1.94
CA ILE A 157 17.15 4.23 -1.81
C ILE A 157 16.79 4.51 -0.36
N SER A 158 16.84 5.78 0.02
CA SER A 158 16.49 6.21 1.36
C SER A 158 15.07 6.78 1.28
N VAL A 159 14.18 6.28 2.14
CA VAL A 159 12.81 6.75 2.12
C VAL A 159 12.32 7.41 3.40
N ALA A 160 11.35 8.31 3.26
CA ALA A 160 10.70 9.00 4.37
C ALA A 160 9.27 8.98 3.87
N THR A 161 8.37 8.33 4.60
CA THR A 161 6.98 8.24 4.17
C THR A 161 5.99 9.13 4.93
N TYR A 162 4.88 9.42 4.26
CA TYR A 162 3.79 10.23 4.79
C TYR A 162 2.61 9.31 4.57
N GLN A 163 2.39 8.41 5.52
CA GLN A 163 1.36 7.39 5.39
C GLN A 163 -0.05 7.70 5.88
N ALA A 164 -1.03 7.27 5.09
CA ALA A 164 -2.45 7.48 5.37
C ALA A 164 -3.00 6.54 6.44
N ALA A 165 -4.11 6.97 7.05
CA ALA A 165 -4.78 6.23 8.09
C ALA A 165 -5.39 4.91 7.63
N SER A 166 -5.78 4.83 6.35
CA SER A 166 -6.40 3.62 5.83
C SER A 166 -5.50 2.40 5.96
N GLY A 167 -4.19 2.63 5.95
CA GLY A 167 -3.25 1.52 6.07
C GLY A 167 -3.37 0.84 7.42
N ALA A 168 -3.88 1.56 8.42
CA ALA A 168 -4.05 1.01 9.76
C ALA A 168 -5.44 0.40 9.97
N GLY A 169 -6.44 0.90 9.24
CA GLY A 169 -7.77 0.35 9.37
C GLY A 169 -8.91 1.37 9.29
N ALA A 170 -10.12 0.87 9.11
CA ALA A 170 -11.30 1.71 9.02
C ALA A 170 -11.53 2.55 10.28
N LYS A 171 -11.33 1.95 11.45
CA LYS A 171 -11.52 2.70 12.68
C LYS A 171 -10.48 3.80 12.83
N ASN A 172 -9.26 3.54 12.36
CA ASN A 172 -8.21 4.54 12.45
C ASN A 172 -8.57 5.76 11.60
N MET A 173 -9.26 5.53 10.49
CA MET A 173 -9.69 6.60 9.60
C MET A 173 -10.73 7.48 10.30
N ARG A 174 -11.67 6.82 10.97
CA ARG A 174 -12.73 7.52 11.69
C ARG A 174 -12.15 8.31 12.85
N GLU A 175 -11.14 7.73 13.52
CA GLU A 175 -10.52 8.41 14.64
C GLU A 175 -9.82 9.67 14.17
N LEU A 176 -9.15 9.57 13.03
CA LEU A 176 -8.47 10.72 12.46
C LEU A 176 -9.48 11.83 12.20
N LEU A 177 -10.61 11.47 11.61
CA LEU A 177 -11.67 12.44 11.31
C LEU A 177 -12.26 13.08 12.55
N SER A 178 -12.51 12.27 13.58
CA SER A 178 -13.06 12.79 14.84
C SER A 178 -12.08 13.79 15.43
N GLN A 179 -10.80 13.44 15.38
CA GLN A 179 -9.75 14.30 15.92
C GLN A 179 -9.72 15.66 15.24
N MET A 180 -9.86 15.67 13.92
CA MET A 180 -9.88 16.91 13.16
C MET A 180 -11.08 17.76 13.59
N GLY A 181 -12.23 17.09 13.72
CA GLY A 181 -13.44 17.78 14.12
C GLY A 181 -13.29 18.49 15.45
N LEU A 182 -12.86 17.76 16.47
CA LEU A 182 -12.68 18.34 17.80
C LEU A 182 -11.68 19.50 17.82
N LEU A 183 -10.57 19.36 17.10
CA LEU A 183 -9.56 20.43 17.05
C LEU A 183 -10.17 21.76 16.59
N GLU A 184 -10.94 21.73 15.50
CA GLU A 184 -11.57 22.94 14.99
C GLU A 184 -12.68 23.42 15.94
N GLN A 185 -13.53 22.49 16.38
CA GLN A 185 -14.62 22.84 17.29
C GLN A 185 -14.10 23.64 18.48
N ALA A 186 -12.90 23.31 18.93
CA ALA A 186 -12.27 23.98 20.07
C ALA A 186 -12.05 25.48 19.85
N VAL A 187 -12.17 25.93 18.60
CA VAL A 187 -11.97 27.34 18.27
C VAL A 187 -12.89 27.79 17.14
N SER A 188 -14.03 27.12 16.98
CA SER A 188 -14.96 27.44 15.90
C SER A 188 -15.37 28.90 15.81
N SER A 189 -15.64 29.53 16.95
CA SER A 189 -16.06 30.93 16.94
C SER A 189 -14.86 31.84 16.68
N GLU A 190 -13.79 31.64 17.45
CA GLU A 190 -12.58 32.44 17.30
C GLU A 190 -12.16 32.50 15.82
N LEU A 191 -12.23 31.36 15.15
CA LEU A 191 -11.87 31.29 13.74
C LEU A 191 -12.74 32.19 12.87
N LYS A 192 -14.01 32.32 13.24
CA LYS A 192 -14.96 33.15 12.49
C LYS A 192 -14.64 34.63 12.66
N ASP A 193 -14.05 34.98 13.79
CA ASP A 193 -13.67 36.36 14.07
C ASP A 193 -12.33 36.65 13.39
N PRO A 194 -12.37 37.29 12.21
CA PRO A 194 -11.17 37.63 11.44
C PRO A 194 -10.11 38.45 12.20
N ALA A 195 -10.49 39.00 13.33
CA ALA A 195 -9.56 39.82 14.12
C ALA A 195 -9.03 39.10 15.37
N SER A 196 -9.50 37.88 15.59
CA SER A 196 -9.09 37.10 16.76
C SER A 196 -7.59 36.78 16.78
N SER A 197 -7.09 36.48 17.97
CA SER A 197 -5.70 36.15 18.26
C SER A 197 -5.27 34.74 17.82
N ILE A 198 -4.21 34.66 17.01
CA ILE A 198 -3.73 33.37 16.53
C ILE A 198 -3.12 32.51 17.64
N LEU A 199 -2.33 33.12 18.51
CA LEU A 199 -1.71 32.37 19.60
C LEU A 199 -2.76 31.79 20.55
N ASP A 200 -3.82 32.54 20.83
CA ASP A 200 -4.88 32.07 21.71
C ASP A 200 -5.57 30.84 21.11
N ILE A 201 -5.92 30.93 19.83
CA ILE A 201 -6.56 29.82 19.13
C ILE A 201 -5.65 28.59 19.24
N GLU A 202 -4.36 28.82 18.98
CA GLU A 202 -3.33 27.78 19.03
C GLU A 202 -3.29 27.10 20.41
N ARG A 203 -3.26 27.91 21.46
CA ARG A 203 -3.22 27.37 22.81
C ARG A 203 -4.41 26.44 23.06
N LYS A 204 -5.58 26.85 22.58
CA LYS A 204 -6.81 26.08 22.79
C LYS A 204 -6.86 24.76 22.03
N VAL A 205 -6.45 24.77 20.76
CA VAL A 205 -6.46 23.56 19.96
C VAL A 205 -5.45 22.55 20.51
N THR A 206 -4.28 23.04 20.88
CA THR A 206 -3.24 22.19 21.44
C THR A 206 -3.72 21.62 22.77
N ALA A 207 -4.50 22.41 23.50
CA ALA A 207 -5.02 21.98 24.79
C ALA A 207 -5.98 20.81 24.61
N LYS A 208 -6.84 20.91 23.60
CA LYS A 208 -7.80 19.84 23.32
C LYS A 208 -7.08 18.61 22.82
N MET A 209 -6.07 18.81 21.99
CA MET A 209 -5.30 17.70 21.44
C MET A 209 -4.73 16.88 22.58
N ARG A 210 -4.37 17.57 23.65
CA ARG A 210 -3.79 16.95 24.84
C ARG A 210 -4.78 16.51 25.92
N ALA A 211 -6.06 16.86 25.75
CA ALA A 211 -7.06 16.51 26.75
C ALA A 211 -7.28 15.00 26.93
N ASP A 212 -7.77 14.63 28.11
CA ASP A 212 -8.02 13.23 28.42
C ASP A 212 -9.10 12.66 27.51
N ASN A 213 -10.07 13.49 27.12
CA ASN A 213 -11.13 13.01 26.26
C ASN A 213 -10.82 13.10 24.75
N PHE A 214 -9.60 13.49 24.38
CA PHE A 214 -9.25 13.55 22.95
C PHE A 214 -9.09 12.08 22.57
N PRO A 215 -9.96 11.58 21.68
CA PRO A 215 -9.96 10.18 21.22
C PRO A 215 -8.70 9.71 20.49
N THR A 216 -7.88 8.91 21.19
CA THR A 216 -6.63 8.41 20.60
C THR A 216 -6.45 6.90 20.85
N ASP A 217 -7.56 6.22 21.10
CA ASP A 217 -7.52 4.78 21.38
C ASP A 217 -6.88 3.93 20.29
N ASN A 218 -7.18 4.25 19.03
CA ASN A 218 -6.66 3.48 17.90
C ASN A 218 -5.19 3.74 17.52
N PHE A 219 -4.76 4.99 17.53
CA PHE A 219 -3.37 5.28 17.20
C PHE A 219 -2.48 5.28 18.43
N GLY A 220 -3.07 5.46 19.61
CA GLY A 220 -2.27 5.50 20.83
C GLY A 220 -1.62 6.86 20.97
N ALA A 221 -2.04 7.78 20.09
CA ALA A 221 -1.53 9.14 20.09
C ALA A 221 -2.34 9.95 19.09
N ALA A 222 -2.33 11.27 19.23
CA ALA A 222 -3.06 12.13 18.31
C ALA A 222 -2.46 12.02 16.91
N LEU A 223 -3.29 12.05 15.88
CA LEU A 223 -2.78 12.01 14.51
C LEU A 223 -3.15 13.35 13.88
N GLY A 224 -4.44 13.70 13.98
CA GLY A 224 -4.89 14.96 13.44
C GLY A 224 -4.12 16.08 14.12
N GLY A 225 -3.63 17.04 13.34
CA GLY A 225 -2.86 18.14 13.91
C GLY A 225 -1.46 17.71 14.34
N SER A 226 -1.10 16.46 14.06
CA SER A 226 0.22 15.95 14.47
C SER A 226 0.72 14.89 13.46
N LEU A 227 1.52 13.96 13.98
CA LEU A 227 2.06 12.85 13.19
C LEU A 227 2.68 11.81 14.13
N ILE A 228 2.86 10.59 13.65
CA ILE A 228 3.42 9.51 14.46
C ILE A 228 4.54 8.82 13.67
N PRO A 229 5.81 9.04 14.07
CA PRO A 229 6.99 8.46 13.44
C PRO A 229 7.24 7.01 13.82
N TRP A 230 6.18 6.22 13.84
CA TRP A 230 6.30 4.82 14.20
C TRP A 230 5.08 4.04 13.70
N ILE A 231 5.34 3.01 12.89
CA ILE A 231 4.29 2.15 12.35
C ILE A 231 4.66 0.67 12.51
N ASP A 232 3.82 -0.06 13.23
CA ASP A 232 3.99 -1.50 13.49
C ASP A 232 5.04 -1.78 14.58
N LYS A 233 5.29 -3.07 14.83
CA LYS A 233 6.24 -3.52 15.86
C LYS A 233 7.71 -3.27 15.54
N LEU A 234 8.51 -3.13 16.59
CA LEU A 234 9.94 -2.90 16.45
C LEU A 234 10.66 -4.24 16.27
N LEU A 235 11.66 -4.26 15.40
CA LEU A 235 12.46 -5.45 15.16
C LEU A 235 13.81 -5.21 15.83
N PRO A 236 13.94 -5.61 17.11
CA PRO A 236 15.16 -5.45 17.90
C PRO A 236 16.46 -5.67 17.11
N GLU A 237 16.41 -6.63 16.19
CA GLU A 237 17.56 -6.98 15.37
C GLU A 237 18.16 -5.83 14.56
N THR A 238 17.32 -4.99 13.98
CA THR A 238 17.79 -3.87 13.15
C THR A 238 17.37 -2.50 13.64
N GLY A 239 16.40 -2.45 14.54
CA GLY A 239 15.93 -1.18 15.04
C GLY A 239 14.78 -0.65 14.20
N GLN A 240 14.54 -1.29 13.07
CA GLN A 240 13.45 -0.89 12.18
C GLN A 240 12.15 -1.38 12.77
N THR A 241 11.06 -0.87 12.23
CA THR A 241 9.73 -1.30 12.63
C THR A 241 9.45 -2.30 11.53
N LYS A 242 8.45 -3.17 11.69
CA LYS A 242 8.15 -4.14 10.63
C LYS A 242 7.85 -3.42 9.32
N GLU A 243 7.22 -2.25 9.42
CA GLU A 243 6.86 -1.46 8.25
C GLU A 243 8.11 -1.04 7.48
N GLU A 244 9.11 -0.55 8.20
CA GLU A 244 10.35 -0.11 7.58
C GLU A 244 11.18 -1.28 7.07
N TRP A 245 11.03 -2.42 7.75
CA TRP A 245 11.75 -3.63 7.37
C TRP A 245 11.27 -4.14 6.01
N LYS A 246 9.96 -4.09 5.79
CA LYS A 246 9.36 -4.55 4.54
C LYS A 246 9.93 -3.85 3.32
N GLY A 247 10.52 -2.67 3.53
CA GLY A 247 11.11 -1.94 2.41
C GLY A 247 12.19 -2.74 1.72
N TYR A 248 13.16 -3.20 2.51
CA TYR A 248 14.29 -3.98 1.97
C TYR A 248 13.84 -5.38 1.53
N ALA A 249 13.17 -6.08 2.44
CA ALA A 249 12.71 -7.44 2.19
C ALA A 249 11.76 -7.59 1.01
N GLU A 250 10.65 -6.86 1.02
CA GLU A 250 9.66 -6.99 -0.06
C GLU A 250 10.02 -6.44 -1.43
N THR A 251 10.76 -5.33 -1.48
CA THR A 251 11.15 -4.74 -2.75
C THR A 251 11.95 -5.74 -3.58
N ASN A 252 12.88 -6.41 -2.93
CA ASN A 252 13.74 -7.37 -3.59
C ASN A 252 13.08 -8.71 -3.89
N LYS A 253 12.17 -9.17 -3.03
CA LYS A 253 11.50 -10.44 -3.32
C LYS A 253 10.57 -10.23 -4.50
N ILE A 254 10.02 -9.02 -4.64
CA ILE A 254 9.14 -8.69 -5.75
C ILE A 254 9.94 -8.63 -7.05
N LEU A 255 11.10 -7.98 -7.00
CA LEU A 255 11.94 -7.86 -8.17
C LEU A 255 12.75 -9.13 -8.39
N GLY A 256 12.67 -10.05 -7.42
CA GLY A 256 13.41 -11.30 -7.53
C GLY A 256 14.91 -11.06 -7.47
N LEU A 257 15.37 -10.43 -6.39
CA LEU A 257 16.78 -10.13 -6.23
C LEU A 257 17.26 -10.41 -4.82
N SER A 258 16.70 -11.45 -4.20
CA SER A 258 17.11 -11.79 -2.84
C SER A 258 18.59 -12.17 -2.77
N ASP A 259 19.16 -12.51 -3.92
CA ASP A 259 20.58 -12.86 -3.97
C ASP A 259 21.43 -11.57 -3.94
N ASN A 260 21.05 -10.62 -4.80
CA ASN A 260 21.75 -9.33 -4.89
C ASN A 260 20.80 -8.21 -4.45
N PRO A 261 20.41 -8.20 -3.15
CA PRO A 261 19.50 -7.23 -2.54
C PRO A 261 19.89 -5.76 -2.70
N ILE A 262 18.95 -4.97 -3.21
CA ILE A 262 19.17 -3.53 -3.38
C ILE A 262 18.73 -2.92 -2.04
N PRO A 263 19.61 -2.16 -1.38
CA PRO A 263 19.25 -1.53 -0.11
C PRO A 263 18.14 -0.50 -0.22
N VAL A 264 17.07 -0.72 0.55
CA VAL A 264 15.91 0.18 0.59
C VAL A 264 15.62 0.35 2.07
N ASP A 265 15.73 1.57 2.57
CA ASP A 265 15.50 1.80 3.99
C ASP A 265 15.06 3.26 4.23
N GLY A 266 14.57 3.54 5.43
CA GLY A 266 14.12 4.88 5.74
C GLY A 266 13.22 4.88 6.97
N LEU A 267 12.40 5.93 7.09
CA LEU A 267 11.50 6.05 8.23
C LEU A 267 10.06 6.10 7.75
N CYS A 268 9.18 5.33 8.37
CA CYS A 268 7.76 5.30 7.99
C CYS A 268 6.97 6.10 9.01
N VAL A 269 6.37 7.20 8.55
CA VAL A 269 5.61 8.09 9.42
C VAL A 269 4.15 8.26 9.03
N ARG A 270 3.28 8.20 10.03
CA ARG A 270 1.84 8.35 9.85
C ARG A 270 1.44 9.83 9.95
N ILE A 271 0.64 10.29 9.00
CA ILE A 271 0.18 11.68 9.00
C ILE A 271 -1.33 11.71 8.82
N GLY A 272 -1.95 12.87 8.99
CA GLY A 272 -3.39 12.98 8.85
C GLY A 272 -3.97 12.98 7.45
N ALA A 273 -3.81 11.86 6.73
CA ALA A 273 -4.36 11.70 5.38
C ALA A 273 -5.28 10.48 5.43
N LEU A 274 -6.33 10.46 4.61
CA LEU A 274 -7.26 9.33 4.64
C LEU A 274 -6.81 8.05 3.95
N ARG A 275 -6.48 8.12 2.66
CA ARG A 275 -6.09 6.90 1.94
C ARG A 275 -4.92 6.92 0.94
N CYS A 276 -4.19 8.03 0.84
CA CYS A 276 -3.03 8.07 -0.05
C CYS A 276 -1.72 8.12 0.73
N HIS A 277 -0.75 7.29 0.35
CA HIS A 277 0.55 7.33 1.00
C HIS A 277 1.42 8.17 0.06
N SER A 278 2.26 9.02 0.64
CA SER A 278 3.17 9.82 -0.15
C SER A 278 4.57 9.44 0.33
N GLN A 279 5.57 9.61 -0.52
CA GLN A 279 6.93 9.25 -0.16
C GLN A 279 7.99 10.17 -0.75
N ALA A 280 8.96 10.51 0.09
CA ALA A 280 10.09 11.36 -0.34
C ALA A 280 11.26 10.42 -0.55
N PHE A 281 11.85 10.43 -1.75
CA PHE A 281 12.96 9.55 -2.05
C PHE A 281 14.30 10.25 -2.26
N THR A 282 15.35 9.62 -1.74
CA THR A 282 16.73 10.07 -1.96
C THR A 282 17.26 8.82 -2.66
N ILE A 283 17.30 8.88 -3.98
CA ILE A 283 17.75 7.75 -4.79
C ILE A 283 19.18 7.87 -5.29
N LYS A 284 19.98 6.86 -4.99
CA LYS A 284 21.36 6.84 -5.44
C LYS A 284 21.46 6.05 -6.74
N LEU A 285 21.65 6.75 -7.85
CA LEU A 285 21.78 6.10 -9.14
C LEU A 285 23.19 5.51 -9.29
N LYS A 286 23.28 4.38 -9.99
CA LYS A 286 24.56 3.71 -10.19
C LYS A 286 25.42 4.42 -11.25
N LYS A 287 24.81 5.31 -12.01
CA LYS A 287 25.53 6.06 -13.04
C LYS A 287 24.92 7.44 -13.22
N ASP A 288 25.77 8.44 -13.48
CA ASP A 288 25.28 9.80 -13.67
C ASP A 288 24.61 9.99 -15.01
N LEU A 289 23.29 10.18 -14.97
CA LEU A 289 22.50 10.36 -16.18
C LEU A 289 21.78 11.69 -16.11
N PRO A 290 21.54 12.30 -17.28
CA PRO A 290 20.85 13.59 -17.35
C PRO A 290 19.39 13.51 -16.91
N LEU A 291 19.03 14.39 -15.99
CA LEU A 291 17.68 14.47 -15.44
C LEU A 291 16.57 14.14 -16.44
N GLU A 292 16.68 14.67 -17.66
CA GLU A 292 15.65 14.42 -18.66
C GLU A 292 15.56 12.96 -19.12
N GLU A 293 16.69 12.26 -19.10
CA GLU A 293 16.70 10.86 -19.51
C GLU A 293 16.12 10.03 -18.38
N ILE A 294 16.30 10.51 -17.16
CA ILE A 294 15.79 9.82 -15.97
C ILE A 294 14.26 9.87 -16.01
N GLU A 295 13.72 11.05 -16.33
CA GLU A 295 12.28 11.24 -16.38
C GLU A 295 11.61 10.35 -17.42
N GLN A 296 12.15 10.36 -18.64
CA GLN A 296 11.61 9.55 -19.72
C GLN A 296 11.57 8.09 -19.30
N ILE A 297 12.68 7.61 -18.70
CA ILE A 297 12.76 6.24 -18.23
C ILE A 297 11.66 5.98 -17.21
N ILE A 298 11.51 6.89 -16.24
CA ILE A 298 10.49 6.78 -15.22
C ILE A 298 9.11 6.66 -15.85
N ALA A 299 8.78 7.65 -16.68
CA ALA A 299 7.48 7.74 -17.33
C ALA A 299 7.05 6.60 -18.26
N SER A 300 7.99 5.93 -18.89
CA SER A 300 7.63 4.85 -19.82
C SER A 300 7.50 3.45 -19.24
N HIS A 301 7.82 3.28 -17.95
CA HIS A 301 7.72 1.96 -17.32
C HIS A 301 6.31 1.36 -17.28
N ASN A 302 5.31 2.20 -17.06
CA ASN A 302 3.94 1.70 -16.99
C ASN A 302 2.95 2.83 -17.30
N GLU A 303 1.72 2.46 -17.60
CA GLU A 303 0.68 3.41 -17.97
C GLU A 303 0.02 4.19 -16.84
N TRP A 304 0.39 3.89 -15.59
CA TRP A 304 -0.22 4.59 -14.47
C TRP A 304 0.70 5.66 -13.88
N VAL A 305 1.98 5.35 -13.75
CA VAL A 305 2.93 6.33 -13.23
C VAL A 305 2.73 7.61 -14.03
N LYS A 306 2.93 8.75 -13.39
CA LYS A 306 2.78 10.03 -14.06
C LYS A 306 3.85 11.00 -13.57
N VAL A 307 4.70 11.47 -14.49
CA VAL A 307 5.76 12.39 -14.12
C VAL A 307 5.24 13.83 -14.09
N ILE A 308 5.32 14.42 -12.90
CA ILE A 308 4.87 15.79 -12.69
C ILE A 308 6.02 16.78 -12.76
N PRO A 309 5.98 17.71 -13.73
CA PRO A 309 7.05 18.71 -13.89
C PRO A 309 7.33 19.48 -12.60
N ASN A 310 8.60 19.79 -12.37
CA ASN A 310 9.04 20.51 -11.18
C ASN A 310 8.56 21.97 -11.21
N ASP A 311 7.25 22.14 -11.41
CA ASP A 311 6.60 23.44 -11.46
C ASP A 311 5.65 23.53 -10.27
N LYS A 312 5.62 24.70 -9.62
CA LYS A 312 4.77 24.91 -8.45
C LYS A 312 3.25 24.68 -8.62
N GLU A 313 2.63 25.42 -9.54
CA GLU A 313 1.20 25.29 -9.77
C GLU A 313 0.79 23.88 -10.20
N ILE A 314 1.60 23.25 -11.02
CA ILE A 314 1.29 21.90 -11.48
C ILE A 314 1.49 20.92 -10.30
N THR A 315 2.55 21.14 -9.52
CA THR A 315 2.81 20.29 -8.37
C THR A 315 1.69 20.42 -7.35
N LEU A 316 1.17 21.62 -7.16
CA LEU A 316 0.08 21.80 -6.20
C LEU A 316 -1.23 21.20 -6.67
N ARG A 317 -1.39 21.08 -7.99
CA ARG A 317 -2.61 20.52 -8.54
C ARG A 317 -2.53 19.00 -8.73
N GLU A 318 -1.34 18.48 -8.98
CA GLU A 318 -1.16 17.05 -9.25
C GLU A 318 -0.57 16.11 -8.20
N LEU A 319 0.47 16.56 -7.51
CA LEU A 319 1.19 15.74 -6.55
C LEU A 319 0.72 15.80 -5.08
N THR A 320 -0.55 15.45 -4.86
CA THR A 320 -1.11 15.47 -3.50
C THR A 320 -2.20 14.43 -3.29
N PRO A 321 -2.38 14.02 -2.03
CA PRO A 321 -3.41 13.03 -1.70
C PRO A 321 -4.77 13.51 -2.23
N ALA A 322 -5.01 14.82 -2.15
CA ALA A 322 -6.27 15.42 -2.61
C ALA A 322 -6.56 15.06 -4.06
N LYS A 323 -5.52 15.08 -4.88
CA LYS A 323 -5.67 14.77 -6.29
C LYS A 323 -5.77 13.26 -6.58
N VAL A 324 -4.83 12.46 -6.08
CA VAL A 324 -4.89 11.05 -6.42
C VAL A 324 -5.86 10.11 -5.69
N THR A 325 -6.40 10.53 -4.56
CA THR A 325 -7.32 9.66 -3.81
C THR A 325 -8.42 9.05 -4.68
N GLY A 326 -8.57 7.73 -4.58
CA GLY A 326 -9.61 7.05 -5.33
C GLY A 326 -9.33 6.80 -6.80
N THR A 327 -8.11 7.13 -7.25
CA THR A 327 -7.73 6.92 -8.64
C THR A 327 -6.55 5.95 -8.71
N LEU A 328 -6.30 5.43 -9.90
CA LEU A 328 -5.20 4.48 -10.14
C LEU A 328 -3.91 5.18 -10.59
N SER A 329 -3.94 6.50 -10.63
CA SER A 329 -2.81 7.32 -11.07
C SER A 329 -1.70 7.38 -10.02
N VAL A 330 -0.45 7.16 -10.45
CA VAL A 330 0.68 7.19 -9.53
C VAL A 330 1.67 8.28 -9.93
N PRO A 331 1.36 9.54 -9.55
CA PRO A 331 2.25 10.64 -9.89
C PRO A 331 3.56 10.65 -9.11
N VAL A 332 4.61 11.12 -9.78
CA VAL A 332 5.93 11.24 -9.18
C VAL A 332 6.47 12.58 -9.71
N GLY A 333 6.97 13.41 -8.81
CA GLY A 333 7.47 14.71 -9.23
C GLY A 333 8.63 15.22 -8.38
N ARG A 334 8.84 16.53 -8.42
CA ARG A 334 9.93 17.16 -7.68
C ARG A 334 11.26 16.48 -8.03
N LEU A 335 11.35 16.00 -9.27
CA LEU A 335 12.55 15.32 -9.76
C LEU A 335 13.70 16.28 -10.07
N ARG A 336 14.86 16.03 -9.47
CA ARG A 336 16.06 16.83 -9.68
C ARG A 336 17.26 16.16 -9.01
N LYS A 337 18.45 16.66 -9.32
CA LYS A 337 19.68 16.12 -8.74
C LYS A 337 19.92 16.73 -7.37
N LEU A 338 20.42 15.93 -6.42
CA LEU A 338 20.69 16.40 -5.07
C LEU A 338 22.13 16.88 -4.91
N ALA A 339 22.32 17.92 -4.11
CA ALA A 339 23.63 18.50 -3.87
C ALA A 339 24.76 17.50 -3.61
N MET A 340 24.44 16.32 -3.09
CA MET A 340 25.49 15.34 -2.80
C MET A 340 26.18 14.76 -4.05
N GLY A 341 25.67 15.07 -5.24
CA GLY A 341 26.27 14.55 -6.44
C GLY A 341 25.27 14.21 -7.53
N PRO A 342 25.67 14.28 -8.82
CA PRO A 342 24.85 14.00 -10.00
C PRO A 342 24.24 12.59 -10.06
N GLU A 343 24.65 11.71 -9.15
CA GLU A 343 24.12 10.36 -9.08
C GLU A 343 23.11 10.26 -7.94
N TYR A 344 22.73 11.42 -7.39
CA TYR A 344 21.77 11.49 -6.30
C TYR A 344 20.51 12.17 -6.81
N LEU A 345 19.41 11.40 -6.91
CA LEU A 345 18.14 11.91 -7.41
C LEU A 345 17.07 12.12 -6.33
N ALA A 346 16.38 13.24 -6.41
CA ALA A 346 15.31 13.54 -5.46
C ALA A 346 14.01 13.20 -6.15
N ALA A 347 13.06 12.66 -5.41
CA ALA A 347 11.78 12.32 -5.99
C ALA A 347 10.70 12.23 -4.91
N PHE A 348 9.48 12.62 -5.29
CA PHE A 348 8.34 12.59 -4.38
C PHE A 348 7.15 11.97 -5.10
N THR A 349 6.51 10.98 -4.49
CA THR A 349 5.37 10.34 -5.13
C THR A 349 4.15 10.25 -4.22
N VAL A 350 2.98 10.12 -4.83
CA VAL A 350 1.72 10.00 -4.11
C VAL A 350 0.90 8.87 -4.76
N GLY A 351 0.35 7.98 -3.94
CA GLY A 351 -0.44 6.88 -4.48
C GLY A 351 -1.55 6.43 -3.55
N ASP A 352 -2.64 5.93 -4.11
CA ASP A 352 -3.76 5.48 -3.27
C ASP A 352 -3.42 4.12 -2.63
N GLN A 353 -3.49 4.10 -1.31
CA GLN A 353 -3.17 2.91 -0.52
C GLN A 353 -4.09 1.72 -0.74
N LEU A 354 -5.38 1.98 -0.92
CA LEU A 354 -6.36 0.92 -1.11
C LEU A 354 -6.40 0.34 -2.52
N LEU A 355 -5.84 1.05 -3.49
CA LEU A 355 -5.86 0.53 -4.84
C LEU A 355 -4.56 -0.20 -5.18
N TRP A 356 -3.55 0.49 -5.70
CA TRP A 356 -2.31 -0.24 -6.02
C TRP A 356 -1.64 -0.72 -4.74
N GLY A 357 -1.99 -0.09 -3.62
CA GLY A 357 -1.43 -0.48 -2.33
C GLY A 357 -2.15 -1.67 -1.68
N ALA A 358 -3.21 -2.19 -2.31
CA ALA A 358 -3.94 -3.30 -1.73
C ALA A 358 -4.79 -4.18 -2.66
N ALA A 359 -5.95 -3.67 -3.06
CA ALA A 359 -6.87 -4.44 -3.90
C ALA A 359 -6.49 -4.67 -5.36
N GLU A 360 -5.90 -3.65 -6.00
CA GLU A 360 -5.55 -3.78 -7.41
C GLU A 360 -4.62 -4.93 -7.76
N PRO A 361 -3.49 -5.07 -7.07
CA PRO A 361 -2.60 -6.19 -7.43
C PRO A 361 -3.34 -7.51 -7.31
N VAL A 362 -4.20 -7.58 -6.29
CA VAL A 362 -4.97 -8.79 -6.06
C VAL A 362 -5.94 -9.06 -7.21
N ARG A 363 -6.66 -8.02 -7.61
CA ARG A 363 -7.62 -8.09 -8.70
C ARG A 363 -6.96 -8.53 -10.00
N ARG A 364 -5.76 -8.04 -10.26
CA ARG A 364 -5.07 -8.34 -11.49
C ARG A 364 -4.43 -9.73 -11.56
N ILE A 365 -3.99 -10.27 -10.43
CA ILE A 365 -3.43 -11.62 -10.48
C ILE A 365 -4.62 -12.56 -10.70
N LEU A 366 -5.77 -12.21 -10.13
CA LEU A 366 -6.96 -13.03 -10.31
C LEU A 366 -7.33 -13.09 -11.79
N LYS A 367 -7.38 -11.92 -12.44
CA LYS A 367 -7.75 -11.87 -13.85
C LYS A 367 -6.86 -12.80 -14.68
N GLN A 368 -5.58 -12.86 -14.35
CA GLN A 368 -4.66 -13.73 -15.09
C GLN A 368 -4.95 -15.21 -14.84
N LEU A 369 -5.22 -15.55 -13.58
CA LEU A 369 -5.50 -16.93 -13.19
C LEU A 369 -6.76 -17.53 -13.79
N VAL A 370 -7.74 -16.69 -14.12
CA VAL A 370 -8.99 -17.20 -14.70
C VAL A 370 -9.04 -16.96 -16.21
N ALA A 371 -7.94 -16.50 -16.78
CA ALA A 371 -7.88 -16.23 -18.21
C ALA A 371 -7.87 -17.53 -19.03
#